data_8CPG
#
_entry.id   8CPG
#
_cell.length_a   43.635
_cell.length_b   43.635
_cell.length_c   97.480
_cell.angle_alpha   90.00
_cell.angle_beta   90.00
_cell.angle_gamma   120.00
#
_symmetry.space_group_name_H-M   'P 32'
#
loop_
_entity.id
_entity.type
_entity.pdbx_description
1 polymer "DNA (5'-D(*CP*GP*TP*TP*AP*AP*TP*TP*AP*AP*CP*G)-3')"
2 polymer 'High mobility group protein HMG-I/HMG-Y'
3 non-polymer 'MAGNESIUM ION'
4 water water
#
loop_
_entity_poly.entity_id
_entity_poly.type
_entity_poly.pdbx_seq_one_letter_code
_entity_poly.pdbx_strand_id
1 'polydeoxyribonucleotide' (DC)(DG)(DT)(DT)(DA)(DA)(DT)(DT)(DA)(DA)(DC)(DG) A,B,C,D,E,F
2 'polypeptide(L)' (ACE)KRGRGRPRK G,H,I
#
loop_
_chem_comp.id
_chem_comp.type
_chem_comp.name
_chem_comp.formula
ACE non-polymer 'ACETYL GROUP' 'C2 H4 O'
DA DNA linking 2'-DEOXYADENOSINE-5'-MONOPHOSPHATE 'C10 H14 N5 O6 P'
DC DNA linking 2'-DEOXYCYTIDINE-5'-MONOPHOSPHATE 'C9 H14 N3 O7 P'
DG DNA linking 2'-DEOXYGUANOSINE-5'-MONOPHOSPHATE 'C10 H14 N5 O7 P'
DT DNA linking THYMIDINE-5'-MONOPHOSPHATE 'C10 H15 N2 O8 P'
MG non-polymer 'MAGNESIUM ION' 'Mg 2'
#
# COMPACT_ATOMS: atom_id res chain seq x y z
C ACE G 1 1.43 5.80 10.45
O ACE G 1 0.43 6.36 10.06
CH3 ACE G 1 1.66 5.55 11.93
N LYS G 2 2.40 5.34 9.65
CA LYS G 2 2.37 5.74 8.26
C LYS G 2 1.87 4.61 7.37
N ARG G 3 1.42 3.47 7.91
CA ARG G 3 0.89 2.40 7.01
C ARG G 3 -0.37 2.92 6.31
N GLY G 4 -0.54 2.51 5.06
CA GLY G 4 -1.72 2.76 4.22
C GLY G 4 -2.63 1.56 4.13
N ARG G 5 -3.25 1.45 2.98
CA ARG G 5 -4.27 0.40 2.75
CA ARG G 5 -4.27 0.40 2.73
C ARG G 5 -3.64 -1.00 2.79
N GLY G 6 -4.44 -2.00 3.12
CA GLY G 6 -4.02 -3.40 3.02
C GLY G 6 -3.55 -3.71 1.61
N ARG G 7 -2.51 -4.52 1.53
CA ARG G 7 -2.09 -5.08 0.23
C ARG G 7 -3.10 -6.13 -0.21
N PRO G 8 -3.19 -6.40 -1.52
CA PRO G 8 -3.93 -7.55 -1.99
C PRO G 8 -3.45 -8.81 -1.28
N ARG G 9 -4.37 -9.71 -0.96
CA ARG G 9 -4.03 -10.96 -0.25
C ARG G 9 -3.37 -11.97 -1.19
N LYS G 10 -2.51 -12.79 -0.60
CA LYS G 10 -2.05 -14.02 -1.28
C LYS G 10 -3.23 -14.97 -1.50
C ACE H 1 -8.92 8.96 0.69
O ACE H 1 -8.18 9.89 0.38
CH3 ACE H 1 -10.37 9.17 1.04
N LYS H 2 -8.51 7.70 0.77
CA LYS H 2 -7.14 7.33 0.44
C LYS H 2 -7.10 6.09 -0.43
N ARG H 3 -6.43 6.20 -1.57
CA ARG H 3 -6.27 5.03 -2.45
C ARG H 3 -5.19 4.08 -1.91
N GLY H 4 -5.25 2.85 -2.39
CA GLY H 4 -4.26 1.80 -2.11
C GLY H 4 -3.33 1.53 -3.27
N ARG H 5 -2.89 0.29 -3.33
CA ARG H 5 -1.87 -0.12 -4.31
C ARG H 5 -2.42 -0.09 -5.73
N GLY H 6 -1.54 0.10 -6.70
CA GLY H 6 -1.94 0.00 -8.10
C GLY H 6 -2.50 -1.36 -8.41
N ARG H 7 -3.47 -1.39 -9.34
CA ARG H 7 -4.09 -2.62 -9.89
C ARG H 7 -3.71 -2.76 -11.37
N GLY I 6 14.57 -0.29 -2.64
CA GLY I 6 13.29 -0.76 -2.01
C GLY I 6 12.16 0.25 -2.14
N ARG I 7 11.06 0.00 -1.43
CA ARG I 7 9.83 0.82 -1.52
C ARG I 7 10.13 2.22 -1.00
N PRO I 8 9.45 3.26 -1.55
CA PRO I 8 9.57 4.62 -1.04
C PRO I 8 9.24 4.74 0.46
N ARG I 9 10.02 5.53 1.19
CA ARG I 9 9.73 5.93 2.59
C ARG I 9 8.41 6.74 2.56
N LYS I 10 7.55 6.55 3.56
CA LYS I 10 6.27 7.28 3.71
C LYS I 10 6.53 8.64 4.39
MG MG J . -17.94 8.62 2.98
MG MG K . -17.04 13.43 1.67
MG MG L . -20.51 -19.97 -21.07
MG MG M . -23.97 -8.76 20.58
#